data_1L6O
#
_entry.id   1L6O
#
_cell.length_a   84.733
_cell.length_b   84.734
_cell.length_c   123.154
_cell.angle_alpha   90.000
_cell.angle_beta   90.000
_cell.angle_gamma   90.000
#
_symmetry.space_group_name_H-M   'P 41 21 2'
#
loop_
_entity.id
_entity.type
_entity.pdbx_description
1 polymer 'Segment polarity protein dishevelled homolog DVL-2'
2 polymer 'Dapper 1'
3 water water
#
loop_
_entity_poly.entity_id
_entity_poly.type
_entity_poly.pdbx_seq_one_letter_code
_entity_poly.pdbx_strand_id
1 'polypeptide(L)'
;(MSE)IITVTLN(MSE)EKYNFLGISIVGQSNERGDGGIYIGSI(MSE)KGGAVAADGRIEPGD(MSE)LLQVNDINFEN
(MSE)SNDDAVRVLRDIVHKPGPIVLTVAKLEHHH
;
A,B,C
2 'polypeptide(L)' SLKLMTTV D,E,F
#
# COMPACT_ATOMS: atom_id res chain seq x y z
N MSE A 1 1.36 -0.15 -13.82
CA MSE A 1 1.17 1.23 -13.88
C MSE A 1 2.34 1.98 -13.29
O MSE A 1 2.84 1.67 -12.20
CB MSE A 1 0.04 1.56 -12.97
CG MSE A 1 -0.33 3.00 -13.21
SE MSE A 1 -2.01 3.09 -12.10
CE MSE A 1 -2.88 3.35 -13.67
N ILE A 2 2.73 2.94 -14.02
CA ILE A 2 3.79 3.72 -13.65
C ILE A 2 3.40 5.01 -13.09
N ILE A 3 3.98 5.50 -12.03
CA ILE A 3 3.53 6.86 -11.54
C ILE A 3 4.67 7.73 -11.19
N THR A 4 4.37 9.05 -11.40
CA THR A 4 5.36 10.03 -11.24
C THR A 4 4.96 11.08 -10.15
N VAL A 5 5.79 11.06 -9.14
CA VAL A 5 5.54 12.07 -8.13
C VAL A 5 6.61 13.10 -7.85
N THR A 6 6.07 14.30 -7.62
CA THR A 6 6.74 15.49 -6.99
C THR A 6 6.49 16.01 -5.65
N LEU A 7 7.55 15.96 -4.92
CA LEU A 7 7.57 16.12 -3.49
C LEU A 7 8.05 17.45 -3.36
N ASN A 8 7.38 18.18 -2.52
CA ASN A 8 7.94 19.48 -2.08
C ASN A 8 8.88 19.44 -0.88
N MSE A 9 10.13 19.47 -1.17
CA MSE A 9 11.19 19.48 -0.18
C MSE A 9 11.34 20.89 0.47
O MSE A 9 12.37 21.23 1.03
CB MSE A 9 12.52 18.86 -0.68
CG MSE A 9 12.30 17.53 -1.22
SE MSE A 9 10.91 16.39 -0.29
CE MSE A 9 12.25 16.38 1.37
N GLU A 10 10.27 21.64 0.46
CA GLU A 10 10.25 22.90 1.16
C GLU A 10 9.60 22.81 2.42
N LYS A 11 8.37 22.38 2.39
CA LYS A 11 7.84 22.08 3.59
C LYS A 11 8.43 20.87 4.28
N TYR A 12 8.64 19.76 3.60
CA TYR A 12 9.16 18.66 4.28
C TYR A 12 10.69 18.66 4.33
N ASN A 13 11.39 18.14 5.29
CA ASN A 13 12.82 17.96 5.44
C ASN A 13 13.28 16.50 5.11
N PHE A 14 12.40 15.54 4.79
CA PHE A 14 12.78 14.12 4.57
C PHE A 14 11.69 13.41 3.86
N LEU A 15 11.99 12.23 3.18
CA LEU A 15 10.89 11.58 2.47
C LEU A 15 10.05 10.81 3.29
N GLY A 16 10.60 10.19 4.36
CA GLY A 16 9.76 9.25 5.22
C GLY A 16 9.50 7.77 4.66
N ILE A 17 10.52 7.27 3.93
CA ILE A 17 10.44 6.01 3.34
C ILE A 17 11.46 4.99 3.74
N SER A 18 11.08 3.77 4.00
CA SER A 18 12.13 2.88 4.01
C SER A 18 12.42 2.20 2.56
N ILE A 19 13.64 1.76 2.31
CA ILE A 19 14.06 1.16 1.14
C ILE A 19 14.56 -0.28 1.36
N VAL A 20 13.80 -1.17 0.76
CA VAL A 20 14.05 -2.53 0.75
C VAL A 20 14.58 -3.05 -0.71
N GLY A 21 15.71 -3.76 -0.64
CA GLY A 21 16.42 -4.38 -1.76
C GLY A 21 16.23 -5.90 -2.03
N GLN A 22 15.81 -6.14 -3.19
CA GLN A 22 15.54 -7.45 -3.68
C GLN A 22 16.74 -7.91 -4.47
N SER A 23 17.15 -9.08 -3.99
CA SER A 23 18.32 -9.63 -4.53
C SER A 23 18.21 -11.07 -4.22
N ASN A 24 18.74 -11.63 -5.24
CA ASN A 24 18.52 -12.99 -5.40
C ASN A 24 19.77 -13.56 -5.82
N GLU A 25 19.65 -14.81 -6.26
CA GLU A 25 20.88 -15.42 -6.77
C GLU A 25 21.46 -14.69 -8.04
N ARG A 26 20.65 -13.74 -8.51
CA ARG A 26 21.04 -12.85 -9.62
C ARG A 26 21.25 -11.50 -9.00
N GLY A 27 20.32 -11.18 -8.11
CA GLY A 27 20.35 -9.98 -7.28
C GLY A 27 19.93 -8.65 -7.90
N ASP A 28 19.75 -8.65 -9.18
CA ASP A 28 19.20 -7.42 -9.71
C ASP A 28 17.66 -7.20 -9.44
N GLY A 29 16.99 -7.69 -8.41
CA GLY A 29 15.59 -7.32 -8.36
C GLY A 29 15.34 -5.81 -8.46
N GLY A 30 16.07 -4.89 -7.83
CA GLY A 30 15.49 -3.46 -7.72
C GLY A 30 15.26 -3.08 -6.25
N ILE A 31 14.67 -1.90 -6.00
CA ILE A 31 14.53 -1.44 -4.78
C ILE A 31 13.11 -1.04 -4.65
N TYR A 32 12.48 -1.25 -3.51
CA TYR A 32 11.14 -0.93 -3.24
C TYR A 32 10.98 -0.11 -1.97
N ILE A 33 9.78 0.54 -1.89
CA ILE A 33 9.43 1.26 -0.75
C ILE A 33 8.84 0.07 0.38
N GLY A 34 9.42 0.00 1.54
CA GLY A 34 8.90 -0.90 2.63
C GLY A 34 7.86 -0.22 3.45
N SER A 35 8.08 0.95 3.97
CA SER A 35 7.00 1.59 4.69
C SER A 35 7.12 3.01 4.51
N ILE A 36 6.06 3.62 4.79
CA ILE A 36 5.98 5.00 4.67
C ILE A 36 5.61 5.71 6.11
N MSE A 37 6.44 6.59 6.64
CA MSE A 37 6.23 7.39 7.83
C MSE A 37 5.46 8.60 7.74
O MSE A 37 5.62 9.52 6.97
CB MSE A 37 7.48 7.84 8.34
CG MSE A 37 8.67 6.93 8.09
SE MSE A 37 8.84 5.44 9.17
CE MSE A 37 7.31 4.80 9.05
N LYS A 38 4.57 8.70 8.62
CA LYS A 38 3.76 9.91 8.72
C LYS A 38 4.69 11.04 9.08
N GLY A 39 4.49 12.20 8.60
CA GLY A 39 5.44 13.16 8.89
C GLY A 39 6.41 13.62 7.72
N GLY A 40 6.60 12.73 6.81
CA GLY A 40 7.37 12.99 5.59
C GLY A 40 6.66 13.43 4.36
N ALA A 41 7.47 13.82 3.36
CA ALA A 41 6.90 14.21 2.10
C ALA A 41 6.15 13.11 1.35
N VAL A 42 6.47 11.86 1.46
CA VAL A 42 5.63 10.83 0.74
C VAL A 42 4.37 10.56 1.21
N ALA A 43 4.17 10.37 2.61
CA ALA A 43 2.89 10.26 3.16
C ALA A 43 1.94 11.41 2.78
N ALA A 44 2.51 12.61 2.62
CA ALA A 44 1.69 13.80 2.32
C ALA A 44 1.21 13.80 0.92
N ASP A 45 1.86 12.98 0.09
CA ASP A 45 1.23 12.89 -1.23
C ASP A 45 0.25 11.75 -1.40
N GLY A 46 0.35 10.64 -0.76
CA GLY A 46 -0.74 9.71 -0.93
C GLY A 46 -0.61 8.65 -1.98
N ARG A 47 0.19 9.00 -2.95
CA ARG A 47 0.37 8.07 -4.12
C ARG A 47 1.14 6.78 -4.04
N ILE A 48 2.26 6.82 -3.43
CA ILE A 48 3.04 5.75 -3.24
C ILE A 48 2.57 4.89 -2.16
N GLU A 49 2.79 3.62 -2.29
CA GLU A 49 2.45 2.60 -1.23
C GLU A 49 3.55 1.63 -1.11
N PRO A 50 3.60 0.90 0.05
CA PRO A 50 4.65 -0.12 0.28
C PRO A 50 4.47 -1.12 -0.84
N GLY A 51 5.63 -1.56 -1.22
CA GLY A 51 5.69 -2.48 -2.22
C GLY A 51 5.95 -1.85 -3.61
N ASP A 52 5.59 -0.57 -3.81
CA ASP A 52 6.04 0.11 -4.98
C ASP A 52 7.55 0.03 -5.30
N MSE A 53 7.80 -0.27 -6.58
CA MSE A 53 9.16 -0.26 -7.02
C MSE A 53 9.78 1.13 -7.48
O MSE A 53 9.23 1.85 -8.26
CB MSE A 53 9.21 -1.26 -8.25
CG MSE A 53 10.81 -1.50 -8.58
SE MSE A 53 10.87 -3.14 -9.66
CE MSE A 53 11.14 -2.55 -10.59
N LEU A 54 10.96 1.46 -7.03
CA LEU A 54 11.45 2.71 -7.37
C LEU A 54 12.32 2.66 -8.67
N LEU A 55 11.88 3.44 -9.62
CA LEU A 55 12.52 3.35 -10.97
C LEU A 55 13.51 4.39 -11.26
N GLN A 56 13.12 5.52 -10.80
CA GLN A 56 13.95 6.67 -11.13
C GLN A 56 13.69 7.97 -10.15
N VAL A 57 14.70 8.67 -9.83
CA VAL A 57 14.66 9.80 -9.16
C VAL A 57 15.41 11.03 -9.91
N ASN A 58 14.71 12.06 -9.90
CA ASN A 58 15.10 13.25 -10.56
C ASN A 58 15.83 12.99 -11.83
N ASP A 59 15.24 12.32 -12.78
CA ASP A 59 16.39 12.11 -13.73
C ASP A 59 17.32 10.94 -13.78
N ILE A 60 17.80 10.48 -12.65
CA ILE A 60 18.63 9.25 -12.68
C ILE A 60 17.82 8.01 -12.81
N ASN A 61 18.17 7.08 -13.75
CA ASN A 61 17.37 5.92 -13.87
C ASN A 61 17.99 4.76 -13.14
N PHE A 62 17.28 3.93 -12.28
CA PHE A 62 17.90 2.95 -11.41
C PHE A 62 17.68 1.54 -11.92
N GLU A 63 16.95 1.42 -12.94
CA GLU A 63 16.65 0.04 -13.49
C GLU A 63 17.73 -0.92 -13.84
N ASN A 64 18.83 -0.37 -14.14
CA ASN A 64 20.03 -1.25 -14.19
C ASN A 64 21.17 -0.86 -13.28
N MSE A 65 20.98 -0.11 -12.15
CA MSE A 65 22.15 -0.11 -11.17
C MSE A 65 22.01 -1.35 -10.33
O MSE A 65 20.88 -1.89 -10.32
CB MSE A 65 22.10 1.24 -10.46
CG MSE A 65 21.76 2.19 -11.32
SE MSE A 65 22.01 4.22 -10.67
CE MSE A 65 22.97 3.40 -9.65
N SER A 66 23.06 -1.73 -9.63
CA SER A 66 22.98 -2.52 -8.41
C SER A 66 22.00 -1.85 -7.31
N ASN A 67 21.37 -2.63 -6.43
CA ASN A 67 20.68 -2.05 -5.39
C ASN A 67 21.58 -1.04 -4.69
N ASP A 68 22.88 -1.29 -4.42
CA ASP A 68 23.63 -0.45 -3.42
C ASP A 68 23.97 0.99 -4.11
N ASP A 69 24.26 0.96 -5.44
CA ASP A 69 24.47 2.18 -6.10
C ASP A 69 23.13 2.99 -6.27
N ALA A 70 22.01 2.33 -6.56
CA ALA A 70 20.78 3.16 -6.69
C ALA A 70 20.53 3.88 -5.27
N VAL A 71 20.83 3.19 -4.18
CA VAL A 71 20.52 3.89 -2.94
C VAL A 71 21.55 4.90 -2.70
N ARG A 72 22.77 4.59 -3.04
CA ARG A 72 23.79 5.66 -2.86
C ARG A 72 23.40 7.03 -3.60
N VAL A 73 22.82 6.87 -4.76
CA VAL A 73 22.39 8.00 -5.41
C VAL A 73 21.14 8.62 -4.78
N LEU A 74 20.14 7.85 -4.37
CA LEU A 74 18.94 8.39 -3.63
C LEU A 74 19.53 9.20 -2.37
N ARG A 75 20.37 8.66 -1.62
CA ARG A 75 20.84 9.33 -0.41
C ARG A 75 21.44 10.68 -0.85
N ASP A 76 22.14 10.67 -1.97
CA ASP A 76 22.80 11.95 -2.13
C ASP A 76 21.79 12.96 -2.58
N ILE A 77 20.73 12.52 -3.14
CA ILE A 77 19.92 13.52 -3.67
C ILE A 77 19.02 14.07 -2.63
N VAL A 78 18.54 13.31 -1.63
CA VAL A 78 17.72 13.86 -0.63
C VAL A 78 18.62 14.69 0.23
N HIS A 79 19.91 14.53 0.04
CA HIS A 79 20.82 15.30 0.86
C HIS A 79 21.07 16.66 0.28
N LYS A 80 20.30 17.07 -0.70
CA LYS A 80 20.49 18.37 -1.21
C LYS A 80 19.22 18.95 -1.41
N PRO A 81 19.29 20.20 -1.59
CA PRO A 81 18.10 21.04 -1.61
C PRO A 81 17.59 20.94 -2.86
N GLY A 82 16.36 21.30 -3.07
CA GLY A 82 15.76 21.15 -4.38
C GLY A 82 14.56 20.18 -4.39
N PRO A 83 13.59 20.32 -5.34
CA PRO A 83 12.45 19.34 -5.46
C PRO A 83 12.89 17.91 -5.90
N ILE A 84 12.14 16.91 -5.52
CA ILE A 84 12.54 15.57 -5.70
C ILE A 84 11.34 14.99 -6.36
N VAL A 85 11.60 14.52 -7.54
CA VAL A 85 10.67 13.75 -8.37
C VAL A 85 10.91 12.22 -8.46
N LEU A 86 9.90 11.39 -8.28
CA LEU A 86 10.09 10.07 -8.14
C LEU A 86 9.19 9.47 -9.07
N THR A 87 9.75 8.42 -9.59
CA THR A 87 8.74 7.62 -10.36
C THR A 87 8.86 6.20 -10.00
N VAL A 88 7.75 5.59 -9.91
CA VAL A 88 7.74 4.24 -9.36
C VAL A 88 6.88 3.24 -10.13
N ALA A 89 7.11 1.95 -10.08
CA ALA A 89 6.08 1.13 -10.54
C ALA A 89 5.38 0.56 -9.43
N LYS A 90 4.12 0.61 -9.64
CA LYS A 90 3.22 0.29 -8.47
C LYS A 90 3.07 -1.19 -8.35
N LEU A 91 2.91 -1.66 -7.17
CA LEU A 91 2.63 -3.07 -6.96
C LEU A 91 1.48 -3.62 -7.73
N GLU A 92 1.73 -4.71 -8.29
CA GLU A 92 0.64 -5.62 -8.70
C GLU A 92 0.09 -6.71 -7.73
N HIS A 93 -0.83 -7.51 -8.28
CA HIS A 93 -1.42 -8.70 -7.67
C HIS A 93 -1.46 -10.11 -8.24
N HIS A 94 -2.71 -10.39 -8.55
CA HIS A 94 -3.25 -11.63 -8.96
C HIS A 94 -2.28 -12.63 -8.59
N HIS A 95 -2.58 -13.28 -7.44
CA HIS A 95 -1.91 -14.51 -6.94
C HIS A 95 -0.40 -14.55 -7.36
N MSE B 1 16.70 -14.05 12.42
CA MSE B 1 16.25 -13.56 13.82
C MSE B 1 14.73 -13.72 13.75
O MSE B 1 14.08 -12.91 13.01
CB MSE B 1 16.64 -12.11 14.28
CG MSE B 1 15.87 -11.94 15.57
SE MSE B 1 16.56 -10.65 16.69
CE MSE B 1 18.30 -11.57 17.05
N ILE B 2 14.19 -14.59 14.53
CA ILE B 2 12.96 -15.00 14.17
C ILE B 2 12.20 -14.52 15.31
N ILE B 3 10.94 -14.81 15.27
CA ILE B 3 10.35 -14.44 16.45
C ILE B 3 8.92 -14.98 16.28
N THR B 4 8.16 -15.34 17.39
CA THR B 4 7.01 -15.94 17.12
C THR B 4 5.72 -15.37 17.74
N VAL B 5 4.49 -15.71 17.48
CA VAL B 5 3.67 -14.88 18.16
C VAL B 5 2.23 -15.24 18.37
N THR B 6 1.69 -15.12 19.58
CA THR B 6 0.35 -15.64 19.59
C THR B 6 -0.81 -14.62 19.52
N LEU B 7 -1.76 -14.82 18.69
CA LEU B 7 -2.76 -13.71 18.61
C LEU B 7 -4.20 -14.00 18.99
N ASN B 8 -4.47 -13.75 20.25
CA ASN B 8 -5.73 -14.13 20.74
C ASN B 8 -6.74 -13.40 19.80
N MSE B 9 -7.31 -14.17 18.89
CA MSE B 9 -8.18 -13.60 17.91
C MSE B 9 -9.41 -13.32 18.52
O MSE B 9 -10.35 -13.16 17.80
CB MSE B 9 -8.45 -14.56 16.78
CG MSE B 9 -7.03 -14.86 16.16
SE MSE B 9 -5.74 -13.35 15.41
CE MSE B 9 -7.01 -12.89 14.52
N GLU B 10 -9.41 -13.39 19.86
CA GLU B 10 -10.62 -13.21 20.67
C GLU B 10 -10.84 -11.68 20.80
N LYS B 11 -9.80 -10.86 20.65
CA LYS B 11 -10.09 -9.47 20.76
C LYS B 11 -10.15 -8.88 19.38
N TYR B 12 -9.98 -9.75 18.41
CA TYR B 12 -9.89 -9.26 17.04
C TYR B 12 -10.59 -10.03 15.92
N ASN B 13 -10.67 -9.43 14.76
CA ASN B 13 -11.41 -10.08 13.71
C ASN B 13 -10.53 -10.49 12.58
N PHE B 14 -9.24 -10.17 12.77
CA PHE B 14 -8.24 -10.41 11.72
C PHE B 14 -6.78 -10.01 12.07
N LEU B 15 -5.84 -10.51 11.29
CA LEU B 15 -4.48 -10.25 11.74
C LEU B 15 -3.97 -8.78 11.56
N GLY B 16 -4.37 -8.22 10.44
CA GLY B 16 -4.11 -6.86 10.12
C GLY B 16 -2.83 -6.69 9.31
N ILE B 17 -2.66 -7.58 8.33
CA ILE B 17 -1.51 -7.56 7.47
C ILE B 17 -1.74 -7.91 6.08
N SER B 18 -0.97 -7.32 5.20
CA SER B 18 -1.23 -7.84 3.76
C SER B 18 0.06 -8.51 3.42
N ILE B 19 -0.05 -9.36 2.43
CA ILE B 19 1.02 -10.21 2.09
C ILE B 19 1.50 -10.08 0.65
N VAL B 20 2.76 -10.15 0.47
CA VAL B 20 3.38 -10.10 -0.66
C VAL B 20 4.39 -11.16 -0.95
N GLY B 21 4.36 -11.58 -2.18
CA GLY B 21 5.06 -12.74 -2.55
C GLY B 21 6.10 -12.52 -3.68
N GLN B 22 7.17 -13.30 -3.66
CA GLN B 22 8.24 -13.11 -4.60
C GLN B 22 8.19 -14.33 -5.23
N SER B 23 8.37 -14.22 -6.51
CA SER B 23 8.29 -15.45 -7.23
C SER B 23 9.49 -16.25 -6.76
N ASN B 24 9.20 -17.49 -6.46
CA ASN B 24 10.22 -18.40 -6.13
C ASN B 24 9.80 -19.47 -7.12
N GLU B 25 9.88 -19.09 -8.38
CA GLU B 25 9.59 -20.08 -9.34
C GLU B 25 10.56 -21.15 -8.90
N ARG B 26 11.83 -20.91 -9.23
CA ARG B 26 13.01 -21.74 -8.84
C ARG B 26 13.90 -20.65 -8.20
N GLY B 27 13.24 -19.73 -7.47
CA GLY B 27 13.90 -18.58 -6.91
C GLY B 27 13.53 -18.55 -5.44
N ASP B 28 13.04 -19.69 -4.87
CA ASP B 28 12.64 -19.74 -3.43
C ASP B 28 12.36 -18.31 -2.81
N GLY B 29 11.22 -17.75 -3.12
CA GLY B 29 10.97 -16.53 -2.49
C GLY B 29 10.15 -16.93 -1.38
N GLY B 30 8.86 -16.78 -1.46
CA GLY B 30 8.15 -16.89 -0.26
C GLY B 30 7.33 -15.63 -0.11
N ILE B 31 6.85 -15.34 1.04
CA ILE B 31 5.83 -14.35 1.21
C ILE B 31 6.32 -13.54 2.40
N TYR B 32 6.11 -12.24 2.26
CA TYR B 32 6.51 -11.28 3.19
C TYR B 32 5.44 -10.50 3.72
N ILE B 33 5.63 -9.80 4.84
CA ILE B 33 4.62 -8.89 5.35
C ILE B 33 4.69 -7.55 4.38
N GLY B 34 3.60 -7.08 3.83
CA GLY B 34 3.58 -5.86 3.06
C GLY B 34 3.26 -4.78 3.99
N SER B 35 2.02 -4.53 4.39
CA SER B 35 1.95 -3.54 5.44
C SER B 35 1.10 -4.01 6.69
N ILE B 36 0.95 -3.22 7.75
CA ILE B 36 0.32 -3.73 8.93
C ILE B 36 -0.67 -2.78 9.19
N MSE B 37 -1.99 -2.97 9.09
CA MSE B 37 -2.97 -1.92 9.43
C MSE B 37 -3.03 -1.74 10.92
O MSE B 37 -2.89 -2.68 11.61
CB MSE B 37 -4.40 -2.25 9.00
CG MSE B 37 -4.60 -3.14 7.98
SE MSE B 37 -3.86 -2.74 6.30
CE MSE B 37 -2.51 -3.97 6.45
N LYS B 38 -3.35 -0.55 11.40
CA LYS B 38 -3.42 -0.29 12.77
C LYS B 38 -4.66 -1.04 13.36
N GLY B 39 -4.60 -1.29 14.67
CA GLY B 39 -5.68 -1.93 15.38
C GLY B 39 -6.11 -3.28 14.87
N GLY B 40 -5.14 -4.03 14.37
CA GLY B 40 -5.45 -5.37 13.94
C GLY B 40 -4.56 -6.06 14.88
N ALA B 41 -4.47 -7.36 14.75
CA ALA B 41 -3.77 -8.16 15.69
C ALA B 41 -2.30 -7.94 15.62
N VAL B 42 -1.81 -7.76 14.45
CA VAL B 42 -0.38 -7.63 14.50
C VAL B 42 0.17 -6.33 14.95
N ALA B 43 -0.73 -5.36 14.94
CA ALA B 43 -0.23 -4.08 15.29
C ALA B 43 -0.14 -4.03 16.80
N ALA B 44 -1.25 -4.32 17.51
CA ALA B 44 -1.27 -4.50 18.98
C ALA B 44 -0.13 -5.27 19.35
N ASP B 45 0.39 -6.07 18.50
CA ASP B 45 1.45 -6.74 19.17
C ASP B 45 2.70 -5.94 18.93
N GLY B 46 2.71 -5.32 17.76
CA GLY B 46 3.80 -4.51 17.35
C GLY B 46 5.10 -5.19 17.29
N ARG B 47 5.12 -6.43 17.49
CA ARG B 47 6.51 -6.95 17.40
C ARG B 47 6.94 -7.26 15.90
N ILE B 48 6.02 -7.52 14.91
CA ILE B 48 6.31 -7.90 13.47
C ILE B 48 6.32 -6.68 12.58
N GLU B 49 7.08 -6.66 11.53
CA GLU B 49 7.13 -5.38 10.72
C GLU B 49 7.42 -5.58 9.25
N PRO B 50 7.21 -4.56 8.39
CA PRO B 50 7.35 -4.76 6.89
C PRO B 50 8.65 -5.27 6.48
N GLY B 51 8.57 -5.98 5.39
CA GLY B 51 9.28 -7.13 4.88
C GLY B 51 9.78 -8.28 5.89
N ASP B 52 9.41 -8.46 7.17
CA ASP B 52 9.68 -9.84 7.80
C ASP B 52 9.06 -10.75 6.82
N MSE B 53 9.82 -11.77 6.58
CA MSE B 53 9.58 -12.91 5.76
C MSE B 53 8.81 -14.21 6.63
O MSE B 53 9.25 -14.71 7.69
CB MSE B 53 10.66 -13.47 5.04
CG MSE B 53 10.39 -14.85 4.38
SE MSE B 53 11.74 -15.83 3.25
CE MSE B 53 12.92 -15.99 4.44
N LEU B 54 7.57 -14.44 6.30
CA LEU B 54 6.69 -15.46 6.99
C LEU B 54 7.07 -17.01 6.92
N LEU B 55 7.48 -17.63 7.97
CA LEU B 55 8.00 -18.98 7.84
C LEU B 55 6.99 -20.15 8.28
N GLN B 56 6.11 -19.95 9.28
CA GLN B 56 5.25 -21.07 9.49
C GLN B 56 4.17 -20.46 10.19
N VAL B 57 3.01 -21.08 10.14
CA VAL B 57 1.94 -20.68 11.03
C VAL B 57 1.30 -21.86 11.77
N ASN B 58 1.08 -21.82 13.07
CA ASN B 58 0.31 -22.97 13.67
C ASN B 58 0.80 -24.43 13.15
N ASP B 59 2.06 -24.72 13.08
CA ASP B 59 2.43 -26.17 12.77
C ASP B 59 2.57 -26.41 11.39
N ILE B 60 2.10 -25.50 10.62
CA ILE B 60 2.53 -25.81 9.23
C ILE B 60 3.53 -24.79 8.68
N ASN B 61 4.35 -25.31 7.83
CA ASN B 61 5.66 -24.82 7.56
C ASN B 61 5.73 -24.61 6.10
N PHE B 62 6.01 -23.29 5.90
CA PHE B 62 5.80 -22.72 4.67
C PHE B 62 7.08 -22.93 3.79
N GLU B 63 8.17 -23.47 4.27
CA GLU B 63 9.29 -23.39 3.35
C GLU B 63 9.25 -24.14 2.12
N ASN B 64 8.53 -25.21 2.00
CA ASN B 64 8.84 -25.83 0.74
C ASN B 64 7.57 -25.63 -0.16
N MSE B 65 6.63 -24.80 0.23
CA MSE B 65 5.33 -24.82 -0.45
C MSE B 65 5.30 -23.62 -1.49
O MSE B 65 5.92 -22.62 -1.32
CB MSE B 65 4.12 -24.62 0.47
CG MSE B 65 4.07 -25.35 1.80
SE MSE B 65 2.40 -24.65 2.51
CE MSE B 65 1.71 -25.50 1.91
N SER B 66 4.49 -23.66 -2.53
CA SER B 66 4.29 -22.50 -3.45
C SER B 66 3.68 -21.39 -2.70
N ASN B 67 3.82 -20.19 -3.25
CA ASN B 67 3.15 -19.01 -2.60
C ASN B 67 1.71 -19.02 -2.38
N ASP B 68 1.07 -19.48 -3.42
CA ASP B 68 -0.43 -19.70 -3.23
C ASP B 68 -0.90 -20.56 -2.20
N ASP B 69 -0.14 -21.67 -2.03
CA ASP B 69 -0.65 -22.71 -1.01
C ASP B 69 -0.41 -22.11 0.16
N ALA B 70 0.81 -21.40 0.35
CA ALA B 70 0.99 -20.82 1.66
C ALA B 70 -0.08 -19.99 2.05
N VAL B 71 -0.44 -19.17 0.98
CA VAL B 71 -1.51 -18.16 1.27
C VAL B 71 -2.85 -18.63 1.66
N ARG B 72 -3.28 -19.60 0.82
CA ARG B 72 -4.43 -20.57 1.29
C ARG B 72 -4.40 -21.15 2.71
N VAL B 73 -3.17 -21.62 3.09
CA VAL B 73 -3.17 -22.08 4.46
C VAL B 73 -3.46 -21.05 5.38
N LEU B 74 -2.89 -19.82 5.08
CA LEU B 74 -2.98 -18.76 6.14
C LEU B 74 -4.41 -18.24 6.38
N ARG B 75 -5.11 -18.25 5.27
CA ARG B 75 -6.50 -17.71 5.29
C ARG B 75 -7.37 -18.63 5.93
N ASP B 76 -7.27 -19.92 5.65
CA ASP B 76 -8.07 -20.93 6.45
C ASP B 76 -7.82 -20.79 7.93
N ILE B 77 -6.58 -20.76 8.31
CA ILE B 77 -6.23 -20.65 9.71
C ILE B 77 -6.70 -19.41 10.16
N VAL B 78 -6.81 -18.44 9.25
CA VAL B 78 -7.28 -17.21 9.86
C VAL B 78 -8.71 -17.25 10.07
N HIS B 79 -9.47 -17.77 9.12
CA HIS B 79 -10.88 -17.88 9.36
C HIS B 79 -11.40 -18.75 10.59
N LYS B 80 -10.69 -19.76 11.00
CA LYS B 80 -11.11 -20.56 12.18
C LYS B 80 -10.75 -19.86 13.49
N PRO B 81 -11.64 -20.00 14.46
CA PRO B 81 -11.38 -19.37 15.78
C PRO B 81 -10.05 -19.91 16.22
N GLY B 82 -9.39 -19.32 17.24
CA GLY B 82 -8.26 -19.99 17.84
C GLY B 82 -7.07 -19.17 17.83
N PRO B 83 -6.14 -19.35 18.76
CA PRO B 83 -4.92 -18.60 18.71
C PRO B 83 -4.32 -19.03 17.36
N ILE B 84 -3.10 -18.50 17.11
CA ILE B 84 -2.64 -18.43 15.76
C ILE B 84 -1.43 -17.94 16.10
N VAL B 85 -0.31 -18.50 15.60
CA VAL B 85 0.92 -18.34 16.06
C VAL B 85 1.96 -18.32 14.85
N LEU B 86 2.67 -17.22 14.75
CA LEU B 86 3.25 -17.04 13.40
C LEU B 86 4.47 -17.00 13.82
N THR B 87 5.33 -17.40 12.92
CA THR B 87 6.62 -17.37 13.11
C THR B 87 7.34 -16.83 11.79
N VAL B 88 8.19 -15.79 12.00
CA VAL B 88 8.57 -14.92 10.90
C VAL B 88 9.82 -14.41 11.04
N ALA B 89 10.46 -14.45 9.94
CA ALA B 89 11.85 -14.06 9.93
C ALA B 89 12.05 -12.41 9.73
N LYS B 90 12.96 -11.84 10.46
CA LYS B 90 13.11 -10.42 10.49
C LYS B 90 13.96 -10.04 9.28
N LEU B 91 13.34 -9.06 8.67
CA LEU B 91 14.11 -8.50 7.54
C LEU B 91 15.60 -8.09 7.91
N GLU B 92 16.52 -8.46 7.08
CA GLU B 92 17.86 -8.15 7.47
C GLU B 92 18.48 -6.74 7.00
N HIS B 93 19.31 -6.18 7.84
CA HIS B 93 19.87 -4.85 7.68
C HIS B 93 21.22 -5.06 7.05
N MSE C 1 -25.60 4.21 -14.62
CA MSE C 1 -25.67 3.07 -13.69
C MSE C 1 -25.10 3.59 -12.32
O MSE C 1 -24.04 4.09 -12.22
CB MSE C 1 -24.86 1.92 -14.31
CG MSE C 1 -24.75 0.59 -13.55
SE MSE C 1 -26.41 -0.48 -13.45
CE MSE C 1 -26.61 -1.10 -15.19
N ILE C 2 -25.78 3.44 -11.24
CA ILE C 2 -25.31 4.05 -10.11
C ILE C 2 -25.25 2.92 -9.15
N ILE C 3 -24.03 2.66 -8.58
CA ILE C 3 -23.82 1.60 -7.64
C ILE C 3 -23.54 2.32 -6.37
N THR C 4 -23.63 1.51 -5.33
CA THR C 4 -23.44 1.73 -3.91
C THR C 4 -22.55 0.67 -3.32
N VAL C 5 -21.27 0.88 -3.09
CA VAL C 5 -20.51 -0.11 -2.44
C VAL C 5 -20.21 0.23 -1.02
N THR C 6 -20.15 -0.79 -0.13
CA THR C 6 -19.93 -0.63 1.25
C THR C 6 -18.58 -1.25 1.52
N LEU C 7 -17.71 -0.54 2.21
CA LEU C 7 -16.35 -0.95 2.49
C LEU C 7 -15.91 -1.16 3.94
N ASN C 8 -15.09 -2.19 4.26
CA ASN C 8 -14.70 -2.33 5.69
C ASN C 8 -13.39 -1.72 6.02
N MSE C 9 -13.37 -0.65 6.78
CA MSE C 9 -12.02 -0.08 7.02
C MSE C 9 -11.35 -0.83 8.18
O MSE C 9 -10.34 -0.43 8.71
CB MSE C 9 -11.94 1.44 7.29
CG MSE C 9 -12.55 2.26 6.27
SE MSE C 9 -11.96 1.91 4.60
CE MSE C 9 -13.55 0.99 4.23
N GLU C 10 -11.96 -1.91 8.57
CA GLU C 10 -11.34 -2.55 9.67
C GLU C 10 -10.21 -3.22 9.05
N LYS C 11 -10.51 -3.86 7.92
CA LYS C 11 -9.54 -4.61 7.18
C LYS C 11 -8.52 -3.79 6.42
N TYR C 12 -8.65 -2.48 6.33
CA TYR C 12 -7.67 -1.71 5.57
C TYR C 12 -7.38 -0.30 6.09
N ASN C 13 -6.18 0.08 5.80
CA ASN C 13 -5.72 1.42 6.12
C ASN C 13 -6.31 2.59 5.18
N PHE C 14 -6.51 2.34 3.93
CA PHE C 14 -7.05 3.33 3.19
C PHE C 14 -7.92 2.89 2.15
N LEU C 15 -8.65 3.85 1.54
CA LEU C 15 -9.65 3.50 0.54
C LEU C 15 -8.78 3.12 -0.72
N GLY C 16 -7.67 3.79 -0.83
CA GLY C 16 -6.73 3.52 -2.01
C GLY C 16 -7.21 4.18 -3.30
N ILE C 17 -7.68 5.43 -3.26
CA ILE C 17 -8.06 6.05 -4.52
C ILE C 17 -7.52 7.44 -4.59
N SER C 18 -7.22 7.98 -5.74
CA SER C 18 -6.78 9.34 -5.90
C SER C 18 -7.93 10.09 -6.37
N ILE C 19 -7.89 11.39 -6.18
CA ILE C 19 -9.30 11.94 -6.51
C ILE C 19 -9.12 12.99 -7.41
N VAL C 20 -9.90 12.97 -8.42
CA VAL C 20 -9.56 13.91 -9.46
C VAL C 20 -10.76 14.78 -9.62
N GLY C 21 -10.55 16.12 -9.60
CA GLY C 21 -11.68 17.00 -9.88
C GLY C 21 -11.86 17.83 -11.23
N GLN C 22 -12.98 17.66 -11.91
CA GLN C 22 -13.21 18.47 -13.12
C GLN C 22 -13.98 19.68 -12.79
N SER C 23 -13.62 20.69 -13.48
CA SER C 23 -14.24 21.88 -13.35
C SER C 23 -14.44 22.46 -14.73
N ASN C 24 -15.61 23.09 -14.94
CA ASN C 24 -15.85 23.94 -16.13
C ASN C 24 -15.42 25.36 -15.93
N GLU C 25 -16.02 26.15 -16.76
CA GLU C 25 -15.76 27.58 -16.76
C GLU C 25 -16.66 28.23 -15.76
N ARG C 26 -17.87 27.73 -15.74
CA ARG C 26 -18.76 28.11 -14.67
C ARG C 26 -18.08 27.66 -13.36
N GLY C 27 -18.11 26.36 -13.12
CA GLY C 27 -17.53 25.89 -11.90
C GLY C 27 -17.35 24.44 -12.03
N ASP C 28 -18.01 23.72 -11.18
CA ASP C 28 -17.68 22.34 -11.11
C ASP C 28 -18.51 21.34 -11.79
N GLY C 29 -17.74 20.35 -12.27
CA GLY C 29 -18.26 19.24 -12.97
C GLY C 29 -18.37 18.21 -11.88
N GLY C 30 -17.54 18.23 -10.85
CA GLY C 30 -17.54 17.15 -9.90
C GLY C 30 -16.17 16.46 -9.66
N ILE C 31 -16.19 15.36 -8.87
CA ILE C 31 -15.02 14.72 -8.42
C ILE C 31 -15.16 13.22 -8.92
N TYR C 32 -14.03 12.63 -9.23
CA TYR C 32 -13.95 11.22 -9.81
C TYR C 32 -12.71 10.49 -9.33
N ILE C 33 -12.86 9.21 -9.45
CA ILE C 33 -11.78 8.34 -9.17
C ILE C 33 -10.86 8.44 -10.25
N GLY C 34 -9.68 8.99 -9.98
CA GLY C 34 -8.59 9.07 -10.94
C GLY C 34 -7.77 7.78 -11.01
N SER C 35 -7.25 7.11 -9.93
CA SER C 35 -6.52 5.82 -10.05
C SER C 35 -6.84 5.09 -8.78
N ILE C 36 -6.73 3.75 -8.76
CA ILE C 36 -6.94 2.80 -7.71
C ILE C 36 -5.70 2.11 -7.10
N MSE C 37 -5.34 2.27 -5.89
CA MSE C 37 -4.32 1.46 -5.33
C MSE C 37 -4.53 0.01 -5.00
O MSE C 37 -5.37 -0.33 -4.23
CB MSE C 37 -3.57 2.23 -4.29
CG MSE C 37 -4.09 3.59 -4.41
SE MSE C 37 -3.04 5.13 -4.15
CE MSE C 37 -2.08 5.13 -6.08
N LYS C 38 -3.70 -0.90 -5.62
CA LYS C 38 -4.08 -2.13 -4.98
C LYS C 38 -3.89 -2.09 -3.51
N GLY C 39 -4.27 -3.00 -2.87
CA GLY C 39 -3.61 -2.48 -1.56
C GLY C 39 -4.57 -1.85 -0.58
N GLY C 40 -5.58 -1.26 -1.17
CA GLY C 40 -6.59 -0.54 -0.38
C GLY C 40 -7.77 -1.36 -0.48
N ALA C 41 -8.59 -0.87 0.36
CA ALA C 41 -10.00 -1.29 0.42
C ALA C 41 -10.84 -1.28 -0.87
N VAL C 42 -10.70 -0.20 -1.68
CA VAL C 42 -11.48 -0.20 -2.91
C VAL C 42 -11.11 -1.36 -3.93
N ALA C 43 -9.82 -1.53 -4.26
CA ALA C 43 -9.40 -2.54 -5.21
C ALA C 43 -9.80 -3.94 -4.61
N ALA C 44 -9.76 -4.07 -3.34
CA ALA C 44 -10.16 -5.27 -2.63
C ALA C 44 -11.56 -5.58 -2.93
N ASP C 45 -12.39 -4.66 -3.37
CA ASP C 45 -13.91 -4.87 -3.58
C ASP C 45 -14.08 -4.94 -5.12
N GLY C 46 -13.19 -4.33 -5.83
CA GLY C 46 -13.23 -4.60 -7.23
C GLY C 46 -14.27 -4.04 -8.09
N ARG C 47 -15.36 -3.65 -7.50
CA ARG C 47 -16.43 -3.09 -8.29
C ARG C 47 -16.29 -1.63 -8.80
N ILE C 48 -15.47 -0.73 -8.18
CA ILE C 48 -15.39 0.68 -8.76
C ILE C 48 -14.27 0.77 -9.69
N GLU C 49 -14.31 1.62 -10.67
CA GLU C 49 -13.17 1.64 -11.52
C GLU C 49 -12.64 2.97 -11.79
N PRO C 50 -11.46 3.10 -12.39
CA PRO C 50 -11.00 4.45 -12.72
C PRO C 50 -12.02 5.17 -13.66
N GLY C 51 -12.01 6.46 -13.73
CA GLY C 51 -13.05 7.17 -14.44
C GLY C 51 -14.52 7.23 -13.73
N ASP C 52 -14.98 6.26 -12.93
CA ASP C 52 -16.27 6.44 -12.15
C ASP C 52 -16.45 7.86 -11.44
N MSE C 53 -17.67 8.40 -11.27
CA MSE C 53 -17.93 9.66 -10.55
C MSE C 53 -18.47 9.63 -9.15
O MSE C 53 -19.31 8.74 -8.86
CB MSE C 53 -18.77 10.63 -11.29
CG MSE C 53 -18.91 11.88 -10.55
SE MSE C 53 -19.98 13.13 -11.86
CE MSE C 53 -21.71 12.82 -11.57
N LEU C 54 -18.01 10.56 -8.24
CA LEU C 54 -18.36 10.07 -6.88
C LEU C 54 -19.52 11.02 -6.58
N LEU C 55 -20.65 10.47 -6.40
CA LEU C 55 -21.88 11.22 -6.06
C LEU C 55 -22.18 11.49 -4.43
N GLN C 56 -22.09 10.51 -3.61
CA GLN C 56 -22.34 10.57 -2.31
C GLN C 56 -21.58 9.69 -1.38
N VAL C 57 -21.11 10.17 -0.18
CA VAL C 57 -20.49 9.29 0.78
C VAL C 57 -21.36 9.27 1.98
N ASN C 58 -21.71 8.11 2.53
CA ASN C 58 -22.34 8.00 3.82
C ASN C 58 -23.64 8.90 4.00
N ASP C 59 -24.44 8.91 2.98
CA ASP C 59 -25.63 9.75 3.15
C ASP C 59 -25.35 11.13 2.96
N ILE C 60 -24.13 11.56 2.58
CA ILE C 60 -23.98 12.95 2.32
C ILE C 60 -23.88 13.27 0.90
N ASN C 61 -24.81 14.00 0.31
CA ASN C 61 -24.75 14.14 -1.19
C ASN C 61 -23.82 15.13 -1.78
N PHE C 62 -22.97 14.90 -2.75
CA PHE C 62 -21.90 15.93 -3.23
C PHE C 62 -22.44 16.74 -4.40
N GLU C 63 -23.71 16.41 -4.74
CA GLU C 63 -24.41 16.94 -5.90
C GLU C 63 -24.39 18.38 -6.08
N ASN C 64 -24.34 19.15 -5.02
CA ASN C 64 -24.18 20.57 -5.38
C ASN C 64 -23.03 21.24 -4.70
N MSE C 65 -22.16 20.45 -4.09
CA MSE C 65 -21.11 21.06 -3.37
C MSE C 65 -20.14 21.40 -4.39
O MSE C 65 -20.17 20.82 -5.39
CB MSE C 65 -20.54 20.08 -2.47
CG MSE C 65 -21.44 19.93 -1.24
SE MSE C 65 -20.55 18.83 0.22
CE MSE C 65 -21.35 17.20 0.02
N SER C 66 -19.23 22.30 -4.05
CA SER C 66 -17.96 22.56 -4.77
C SER C 66 -16.99 21.31 -4.51
N ASN C 67 -16.15 21.21 -5.50
CA ASN C 67 -15.23 20.16 -5.60
C ASN C 67 -14.46 19.98 -4.25
N ASP C 68 -13.77 21.02 -3.89
CA ASP C 68 -13.09 21.17 -2.62
C ASP C 68 -13.89 20.83 -1.35
N ASP C 69 -15.19 21.30 -1.32
CA ASP C 69 -15.91 20.98 -0.04
C ASP C 69 -16.26 19.58 -0.03
N ALA C 70 -16.49 18.98 -1.20
CA ALA C 70 -16.82 17.62 -1.17
C ALA C 70 -15.58 16.69 -0.83
N VAL C 71 -14.40 17.03 -1.30
CA VAL C 71 -13.25 16.37 -0.97
C VAL C 71 -12.99 16.51 0.61
N ARG C 72 -13.13 17.74 1.18
CA ARG C 72 -13.31 17.84 2.76
C ARG C 72 -14.21 16.92 3.40
N VAL C 73 -15.34 16.78 2.76
CA VAL C 73 -16.21 15.88 3.52
C VAL C 73 -15.68 14.62 3.43
N LEU C 74 -15.27 14.36 2.21
CA LEU C 74 -14.77 12.96 2.01
C LEU C 74 -13.64 12.61 2.89
N ARG C 75 -12.72 13.50 3.07
CA ARG C 75 -11.61 13.27 4.03
C ARG C 75 -11.99 13.21 5.43
N ASP C 76 -13.04 14.05 5.80
CA ASP C 76 -13.46 14.01 7.16
C ASP C 76 -14.06 12.65 7.53
N ILE C 77 -14.69 11.99 6.54
CA ILE C 77 -15.37 10.74 6.85
C ILE C 77 -14.37 9.56 6.88
N VAL C 78 -13.41 9.59 5.95
CA VAL C 78 -12.45 8.52 5.84
C VAL C 78 -11.63 8.46 7.04
N HIS C 79 -11.20 9.56 7.54
CA HIS C 79 -10.46 9.57 8.71
C HIS C 79 -11.11 8.89 9.90
N LYS C 80 -12.44 8.53 9.89
CA LYS C 80 -13.11 7.88 10.95
C LYS C 80 -13.10 6.42 10.74
N PRO C 81 -12.92 5.67 11.84
CA PRO C 81 -13.14 4.22 11.88
C PRO C 81 -14.54 3.89 11.62
N GLY C 82 -14.80 2.74 11.02
CA GLY C 82 -16.14 2.41 10.57
C GLY C 82 -16.33 2.05 9.11
N PRO C 83 -17.44 1.44 8.85
CA PRO C 83 -17.71 1.16 7.45
C PRO C 83 -17.97 2.48 6.69
N ILE C 84 -17.80 2.48 5.40
CA ILE C 84 -17.87 3.66 4.61
C ILE C 84 -18.70 3.24 3.37
N VAL C 85 -19.71 4.02 2.96
CA VAL C 85 -20.58 3.67 1.87
C VAL C 85 -20.35 4.70 0.74
N LEU C 86 -20.13 4.22 -0.46
CA LEU C 86 -19.92 5.06 -1.55
C LEU C 86 -20.87 4.83 -2.62
N THR C 87 -21.28 5.89 -3.20
CA THR C 87 -22.27 5.87 -4.20
C THR C 87 -21.63 6.50 -5.37
N VAL C 88 -21.62 5.81 -6.42
CA VAL C 88 -20.86 6.41 -7.45
C VAL C 88 -21.49 6.14 -8.68
N ALA C 89 -21.16 6.96 -9.67
CA ALA C 89 -21.62 6.74 -11.04
C ALA C 89 -20.62 6.04 -12.04
N LYS C 90 -21.01 4.87 -12.56
CA LYS C 90 -20.18 4.14 -13.58
C LYS C 90 -19.99 4.93 -14.76
N LEU C 91 -18.78 4.93 -15.21
CA LEU C 91 -18.45 5.58 -16.43
C LEU C 91 -18.89 4.71 -17.67
N GLU C 92 -19.72 5.38 -18.47
CA GLU C 92 -20.32 4.74 -19.63
C GLU C 92 -19.39 4.86 -20.85
N SER D 1 17.21 -12.66 -0.83
CA SER D 1 15.88 -12.32 -0.11
C SER D 1 15.91 -10.82 0.01
N LEU D 2 15.15 -10.18 0.88
CA LEU D 2 15.13 -8.72 0.90
C LEU D 2 15.91 -8.12 2.03
N LYS D 3 16.48 -6.89 1.94
CA LYS D 3 16.99 -6.41 3.22
C LYS D 3 16.87 -4.93 3.28
N LEU D 4 16.82 -4.45 4.43
CA LEU D 4 16.54 -3.14 4.63
C LEU D 4 17.76 -2.50 3.99
N MET D 5 17.59 -1.55 3.10
CA MET D 5 18.80 -0.57 2.67
C MET D 5 19.07 0.76 3.47
N THR D 6 18.14 1.68 3.67
CA THR D 6 18.25 2.75 4.65
C THR D 6 16.85 3.29 4.86
N THR D 7 16.81 4.41 5.55
CA THR D 7 15.63 5.22 5.46
C THR D 7 15.85 6.61 5.26
N VAL D 8 15.14 7.11 4.25
CA VAL D 8 15.38 8.48 3.93
C VAL D 8 14.07 9.24 3.98
N SER E 1 10.73 -10.14 -8.67
CA SER E 1 9.50 -9.22 -8.54
C SER E 1 8.46 -9.46 -7.35
N LEU E 2 7.80 -8.50 -6.81
CA LEU E 2 6.96 -8.78 -5.73
C LEU E 2 5.52 -8.57 -6.17
N LYS E 3 4.57 -9.27 -5.67
CA LYS E 3 3.22 -9.00 -5.99
C LYS E 3 2.30 -9.14 -4.82
N LEU E 4 1.24 -8.37 -4.84
CA LEU E 4 0.38 -8.40 -3.74
C LEU E 4 -0.35 -9.69 -3.88
N MET E 5 -0.50 -10.30 -2.74
CA MET E 5 -1.30 -11.63 -2.69
C MET E 5 -2.58 -11.37 -1.85
N THR E 6 -2.74 -10.83 -0.57
CA THR E 6 -4.14 -10.62 0.05
C THR E 6 -3.95 -9.84 1.32
N THR E 7 -4.95 -9.48 2.05
CA THR E 7 -4.76 -8.88 3.32
C THR E 7 -5.57 -9.74 4.14
N VAL E 8 -5.11 -10.04 5.35
CA VAL E 8 -5.79 -10.92 6.31
C VAL E 8 -5.78 -10.40 7.77
N SER F 1 -11.10 20.72 -17.17
CA SER F 1 -9.62 20.88 -16.79
C SER F 1 -9.42 20.17 -15.46
N LEU F 2 -8.59 19.09 -15.39
CA LEU F 2 -8.57 18.18 -14.32
C LEU F 2 -7.62 18.56 -13.37
N LYS F 3 -7.91 18.39 -12.06
CA LYS F 3 -6.84 18.58 -11.08
C LYS F 3 -6.80 17.46 -10.10
N LEU F 4 -5.64 16.96 -9.79
CA LEU F 4 -5.62 16.01 -8.86
C LEU F 4 -5.98 16.63 -7.44
N MET F 5 -7.03 16.08 -6.81
CA MET F 5 -7.38 16.78 -5.37
C MET F 5 -6.69 16.19 -4.23
N THR F 6 -6.71 14.79 -4.04
CA THR F 6 -5.93 14.31 -2.86
C THR F 6 -5.98 12.84 -3.11
N THR F 7 -5.42 12.05 -2.20
CA THR F 7 -5.87 10.66 -2.25
C THR F 7 -6.23 10.14 -0.81
N VAL F 8 -7.11 9.22 -0.89
CA VAL F 8 -7.44 8.56 0.32
C VAL F 8 -7.54 7.06 0.44
#